data_2Y4U
#
_entry.id   2Y4U
#
_cell.length_a   124.620
_cell.length_b   124.620
_cell.length_c   92.220
_cell.angle_alpha   90.00
_cell.angle_beta   90.00
_cell.angle_gamma   120.00
#
_symmetry.space_group_name_H-M   'P 3 1 2'
#
_entity_poly.entity_id   1
_entity_poly.type   'polypeptide(L)'
_entity_poly.pdbx_seq_one_letter_code
;(MSE)HHHHHHSSGVDLGTENLYFQS(MSE)ADVEKHLELGKKLLAAGQLADALSQFHAAVDGDPDNYIAYYRRATVFLA
(MSE)GKSKAALPDLTKVIQLK(MSE)DFTAARLQRGHLLLKQGKLDEAEDDFKKVLKSNPSENEEKEAQSQLIKSDE
(MSE)QRLRSQALNAFGSGDYTAAIAFLDKILEVCVWDAELRELRAECFIKEGEPRKAISDLKAASKLKNDNTEAFYKIS
TLYYQLGDHELSLSEVRECLKLDQDHKRCFAHYKQVKKLNKLIESAEELIRDGRYTDATSKYESV(MSE)KTEPSIAEYT
VRSKERICHCFSKDEKPVEAIRVCSEVLQ(MSE)EPDNVNALKDRAEAYLIEE(MSE)YDEAIQDYETAQEHNENDQQIR
EGLEKAQRLLKQSQKRDYYKILGVKRNAKKQEIIKAYRKLALQWHPDNFQNEEEKKKAEKKFIDIAAAKEVLSDPE
(MSE)RKKFDDG
;
_entity_poly.pdbx_strand_id   A
#
# COMPACT_ATOMS: atom_id res chain seq x y z
N GLN A 21 31.39 25.48 -43.24
CA GLN A 21 30.37 25.34 -42.15
C GLN A 21 30.29 23.91 -41.62
N SER A 22 30.98 23.69 -40.50
CA SER A 22 30.86 22.45 -39.76
C SER A 22 29.53 22.47 -38.98
N MSE A 23 28.53 21.80 -39.56
CA MSE A 23 27.25 21.57 -38.89
C MSE A 23 27.36 20.22 -38.16
O MSE A 23 26.38 19.47 -38.02
CB MSE A 23 26.13 21.57 -39.93
CG MSE A 23 24.80 21.08 -39.40
SE MSE A 23 23.33 21.89 -40.40
CE MSE A 23 22.49 20.22 -41.09
N ALA A 24 28.58 19.95 -37.72
CA ALA A 24 28.91 18.77 -36.95
C ALA A 24 28.10 18.73 -35.67
N ASP A 25 27.99 19.87 -34.98
CA ASP A 25 27.24 19.94 -33.72
C ASP A 25 25.86 19.27 -33.88
N VAL A 26 25.09 19.68 -34.89
CA VAL A 26 23.79 19.07 -35.20
C VAL A 26 23.91 17.61 -35.62
N GLU A 27 25.06 17.28 -36.21
CA GLU A 27 25.30 15.93 -36.68
C GLU A 27 25.69 15.02 -35.52
N LYS A 28 26.63 15.48 -34.71
CA LYS A 28 27.10 14.71 -33.56
C LYS A 28 25.92 14.40 -32.65
N HIS A 29 25.14 15.44 -32.34
CA HIS A 29 23.94 15.31 -31.51
C HIS A 29 23.19 14.04 -31.85
N LEU A 30 23.06 13.76 -33.13
CA LEU A 30 22.34 12.59 -33.61
C LEU A 30 23.13 11.32 -33.40
N GLU A 31 24.41 11.34 -33.73
CA GLU A 31 25.23 10.16 -33.54
C GLU A 31 25.16 9.77 -32.08
N LEU A 32 25.70 10.65 -31.23
CA LEU A 32 25.63 10.53 -29.78
C LEU A 32 24.24 10.14 -29.31
N GLY A 33 23.23 10.77 -29.90
CA GLY A 33 21.84 10.48 -29.57
C GLY A 33 21.49 9.04 -29.86
N LYS A 34 21.87 8.56 -31.04
CA LYS A 34 21.50 7.23 -31.49
C LYS A 34 22.19 6.15 -30.69
N LYS A 35 23.48 6.35 -30.45
CA LYS A 35 24.25 5.45 -29.59
C LYS A 35 23.61 5.29 -28.20
N LEU A 36 23.17 6.41 -27.62
CA LEU A 36 22.55 6.42 -26.29
C LEU A 36 21.27 5.61 -26.28
N LEU A 37 20.37 5.93 -27.20
CA LEU A 37 19.16 5.15 -27.36
C LEU A 37 19.56 3.68 -27.40
N ALA A 38 20.52 3.35 -28.26
CA ALA A 38 20.96 1.97 -28.45
C ALA A 38 21.41 1.34 -27.13
N ALA A 39 22.00 2.15 -26.26
CA ALA A 39 22.52 1.68 -25.00
C ALA A 39 21.40 1.50 -23.98
N GLY A 40 20.22 2.02 -24.30
CA GLY A 40 19.07 1.96 -23.41
C GLY A 40 18.81 3.22 -22.60
N GLN A 41 19.51 4.31 -22.92
CA GLN A 41 19.52 5.49 -22.05
C GLN A 41 18.25 6.33 -22.04
N LEU A 42 17.64 6.51 -23.21
CA LEU A 42 16.33 7.16 -23.29
C LEU A 42 16.37 8.58 -22.77
N ALA A 43 16.44 8.71 -21.45
CA ALA A 43 16.51 10.02 -20.84
C ALA A 43 17.55 10.89 -21.55
N ASP A 44 18.77 10.37 -21.68
CA ASP A 44 19.87 11.15 -22.23
C ASP A 44 19.81 11.18 -23.74
N ALA A 45 19.39 10.07 -24.31
CA ALA A 45 19.14 10.04 -25.72
C ALA A 45 18.29 11.26 -26.05
N LEU A 46 17.22 11.46 -25.27
CA LEU A 46 16.27 12.56 -25.49
C LEU A 46 16.91 13.92 -25.31
N SER A 47 17.68 14.11 -24.25
CA SER A 47 18.39 15.36 -24.06
C SER A 47 19.16 15.68 -25.32
N GLN A 48 19.56 14.65 -26.05
CA GLN A 48 20.37 14.82 -27.23
C GLN A 48 19.55 15.17 -28.43
N PHE A 49 18.48 14.44 -28.65
CA PHE A 49 17.64 14.68 -29.80
C PHE A 49 16.90 16.01 -29.73
N HIS A 50 16.65 16.49 -28.51
CA HIS A 50 16.16 17.84 -28.31
C HIS A 50 17.16 18.81 -28.93
N ALA A 51 18.44 18.65 -28.57
CA ALA A 51 19.52 19.48 -29.12
C ALA A 51 19.47 19.53 -30.65
N ALA A 52 19.40 18.35 -31.26
CA ALA A 52 19.39 18.23 -32.70
C ALA A 52 18.19 18.94 -33.30
N VAL A 53 17.04 18.86 -32.63
CA VAL A 53 15.81 19.48 -33.15
C VAL A 53 15.91 20.99 -33.10
N ASP A 54 16.41 21.52 -32.00
CA ASP A 54 16.59 22.96 -31.93
C ASP A 54 17.79 23.38 -32.77
N GLY A 55 18.68 22.42 -33.01
CA GLY A 55 19.81 22.62 -33.91
C GLY A 55 19.38 22.83 -35.34
N ASP A 56 18.54 21.93 -35.87
CA ASP A 56 18.06 22.05 -37.23
C ASP A 56 16.56 21.81 -37.27
N PRO A 57 15.76 22.84 -36.96
CA PRO A 57 14.31 22.63 -36.92
C PRO A 57 13.80 22.07 -38.24
N ASP A 58 14.56 22.33 -39.31
CA ASP A 58 14.17 21.92 -40.65
C ASP A 58 14.43 20.44 -40.94
N ASN A 59 15.39 19.85 -40.22
CA ASN A 59 15.76 18.44 -40.43
C ASN A 59 14.62 17.51 -40.03
N TYR A 60 14.43 16.43 -40.77
CA TYR A 60 13.36 15.49 -40.47
C TYR A 60 13.82 14.28 -39.63
N ILE A 61 15.09 13.92 -39.75
CA ILE A 61 15.60 12.73 -39.05
C ILE A 61 15.50 12.95 -37.54
N ALA A 62 15.87 14.15 -37.10
CA ALA A 62 15.83 14.52 -35.70
C ALA A 62 14.44 14.27 -35.15
N TYR A 63 13.44 14.95 -35.69
CA TYR A 63 12.07 14.78 -35.25
C TYR A 63 11.69 13.33 -35.14
N TYR A 64 12.21 12.50 -36.04
CA TYR A 64 11.96 11.07 -35.98
C TYR A 64 12.58 10.44 -34.72
N ARG A 65 13.85 10.72 -34.49
CA ARG A 65 14.57 10.12 -33.37
C ARG A 65 14.01 10.55 -32.03
N ARG A 66 13.82 11.84 -31.84
CA ARG A 66 13.17 12.33 -30.63
C ARG A 66 11.91 11.51 -30.47
N ALA A 67 11.06 11.51 -31.49
CA ALA A 67 9.77 10.82 -31.42
C ALA A 67 9.90 9.38 -30.98
N THR A 68 10.98 8.71 -31.35
CA THR A 68 11.10 7.28 -31.03
C THR A 68 11.45 7.09 -29.57
N VAL A 69 12.15 8.07 -29.00
CA VAL A 69 12.50 8.06 -27.58
C VAL A 69 11.31 8.41 -26.70
N PHE A 70 10.54 9.41 -27.11
CA PHE A 70 9.26 9.67 -26.47
C PHE A 70 8.52 8.37 -26.34
N LEU A 71 8.26 7.73 -27.47
CA LEU A 71 7.59 6.42 -27.53
C LEU A 71 8.18 5.39 -26.58
N ALA A 72 9.50 5.21 -26.65
CA ALA A 72 10.16 4.23 -25.80
C ALA A 72 9.82 4.48 -24.34
N MSE A 73 10.12 5.68 -23.84
CA MSE A 73 9.62 6.15 -22.54
C MSE A 73 8.12 6.28 -22.67
O MSE A 73 7.63 6.51 -23.76
CB MSE A 73 10.18 7.52 -22.25
CG MSE A 73 11.65 7.66 -22.51
SE MSE A 73 12.26 9.38 -21.92
CE MSE A 73 11.83 10.43 -23.49
N GLY A 74 7.37 6.14 -21.60
CA GLY A 74 5.92 6.09 -21.82
C GLY A 74 5.23 7.39 -22.18
N LYS A 75 5.76 8.16 -23.14
CA LYS A 75 5.25 9.54 -23.38
C LYS A 75 4.43 9.71 -24.63
N SER A 76 3.10 9.70 -24.53
CA SER A 76 2.30 9.70 -25.75
C SER A 76 2.01 11.07 -26.32
N LYS A 77 1.68 12.02 -25.48
CA LYS A 77 1.40 13.35 -25.98
C LYS A 77 2.59 13.88 -26.77
N ALA A 78 3.76 13.77 -26.16
CA ALA A 78 4.94 14.45 -26.64
C ALA A 78 5.39 13.93 -27.99
N ALA A 79 4.99 12.71 -28.31
CA ALA A 79 5.44 12.06 -29.54
C ALA A 79 4.64 12.46 -30.77
N LEU A 80 3.32 12.52 -30.64
CA LEU A 80 2.45 12.84 -31.76
C LEU A 80 2.93 14.05 -32.57
N PRO A 81 3.04 15.23 -31.95
CA PRO A 81 3.46 16.38 -32.74
C PRO A 81 4.75 16.12 -33.51
N ASP A 82 5.69 15.38 -32.92
CA ASP A 82 6.98 15.09 -33.54
C ASP A 82 6.84 14.16 -34.75
N LEU A 83 5.83 13.29 -34.70
CA LEU A 83 5.60 12.36 -35.80
C LEU A 83 4.98 13.06 -36.96
N THR A 84 3.99 13.91 -36.70
CA THR A 84 3.30 14.61 -37.77
C THR A 84 4.21 15.63 -38.47
N LYS A 85 5.17 16.21 -37.74
CA LYS A 85 6.17 17.09 -38.34
C LYS A 85 7.00 16.32 -39.37
N VAL A 86 7.39 15.11 -38.99
CA VAL A 86 8.10 14.21 -39.91
C VAL A 86 7.29 14.02 -41.19
N ILE A 87 6.03 13.58 -41.03
CA ILE A 87 5.13 13.47 -42.16
C ILE A 87 5.21 14.73 -43.03
N GLN A 88 4.87 15.87 -42.45
CA GLN A 88 4.86 17.13 -43.20
C GLN A 88 6.18 17.41 -43.92
N LEU A 89 7.29 17.13 -43.26
CA LEU A 89 8.61 17.43 -43.83
C LEU A 89 9.01 16.50 -44.96
N LYS A 90 8.97 15.19 -44.69
CA LYS A 90 9.28 14.22 -45.72
C LYS A 90 8.01 13.41 -46.02
N MSE A 91 7.08 14.13 -46.70
CA MSE A 91 5.72 13.63 -47.00
C MSE A 91 5.72 12.22 -47.61
O MSE A 91 4.75 11.47 -47.48
CB MSE A 91 4.96 14.62 -47.89
CG MSE A 91 3.46 14.37 -48.03
SE MSE A 91 2.39 14.69 -46.40
CE MSE A 91 1.94 16.59 -46.64
N ASP A 92 6.82 11.89 -48.27
CA ASP A 92 7.01 10.61 -48.91
C ASP A 92 7.10 9.45 -47.89
N PHE A 93 7.98 9.65 -46.89
CA PHE A 93 8.38 8.60 -45.93
C PHE A 93 7.21 8.02 -45.15
N THR A 94 6.77 6.81 -45.58
CA THR A 94 5.49 6.26 -45.09
C THR A 94 5.54 5.54 -43.74
N ALA A 95 6.67 4.92 -43.41
CA ALA A 95 6.77 4.20 -42.13
C ALA A 95 6.37 5.09 -40.95
N ALA A 96 6.54 6.39 -41.15
CA ALA A 96 6.20 7.43 -40.17
C ALA A 96 4.70 7.61 -40.02
N ARG A 97 3.97 7.66 -41.14
CA ARG A 97 2.52 7.73 -41.08
C ARG A 97 1.98 6.45 -40.45
N LEU A 98 2.70 5.35 -40.64
CA LEU A 98 2.37 4.09 -39.99
C LEU A 98 2.62 4.21 -38.49
N GLN A 99 3.75 4.81 -38.12
CA GLN A 99 4.05 5.05 -36.71
C GLN A 99 2.96 5.90 -36.07
N ARG A 100 2.59 6.99 -36.71
CA ARG A 100 1.51 7.84 -36.24
C ARG A 100 0.26 7.02 -35.98
N GLY A 101 -0.16 6.24 -36.96
CA GLY A 101 -1.34 5.40 -36.83
C GLY A 101 -1.34 4.58 -35.57
N HIS A 102 -0.21 3.93 -35.29
CA HIS A 102 -0.07 3.12 -34.08
C HIS A 102 -0.36 3.94 -32.85
N LEU A 103 0.35 5.06 -32.73
CA LEU A 103 0.21 5.96 -31.61
C LEU A 103 -1.26 6.37 -31.44
N LEU A 104 -1.83 6.97 -32.48
CA LEU A 104 -3.24 7.37 -32.48
C LEU A 104 -4.17 6.23 -32.07
N LEU A 105 -3.70 5.01 -32.23
CA LEU A 105 -4.47 3.88 -31.78
C LEU A 105 -4.20 3.61 -30.31
N LYS A 106 -2.93 3.52 -29.93
CA LYS A 106 -2.61 3.41 -28.50
C LYS A 106 -3.38 4.51 -27.77
N GLN A 107 -3.49 5.67 -28.42
CA GLN A 107 -4.24 6.81 -27.87
C GLN A 107 -5.75 6.64 -27.90
N GLY A 108 -6.24 5.69 -28.69
CA GLY A 108 -7.68 5.45 -28.78
C GLY A 108 -8.41 6.52 -29.57
N LYS A 109 -7.64 7.30 -30.33
CA LYS A 109 -8.21 8.31 -31.21
C LYS A 109 -8.48 7.66 -32.57
N LEU A 110 -9.50 6.80 -32.58
CA LEU A 110 -9.70 5.80 -33.63
C LEU A 110 -9.96 6.33 -35.03
N ASP A 111 -10.87 7.27 -35.17
CA ASP A 111 -11.14 7.89 -36.46
C ASP A 111 -9.88 8.42 -37.11
N GLU A 112 -9.10 9.19 -36.37
CA GLU A 112 -7.86 9.79 -36.86
C GLU A 112 -6.83 8.73 -37.27
N ALA A 113 -6.84 7.62 -36.54
CA ALA A 113 -5.94 6.50 -36.76
C ALA A 113 -6.28 5.79 -38.06
N GLU A 114 -7.54 5.37 -38.19
CA GLU A 114 -8.05 4.81 -39.43
C GLU A 114 -7.66 5.68 -40.63
N ASP A 115 -8.06 6.95 -40.62
CA ASP A 115 -7.74 7.90 -41.70
C ASP A 115 -6.24 7.97 -42.07
N ASP A 116 -5.38 7.49 -41.17
CA ASP A 116 -3.95 7.45 -41.43
C ASP A 116 -3.53 6.09 -41.91
N PHE A 117 -4.07 5.06 -41.28
CA PHE A 117 -3.82 3.68 -41.63
C PHE A 117 -4.16 3.35 -43.08
N LYS A 118 -5.19 4.02 -43.59
CA LYS A 118 -5.68 3.81 -44.93
C LYS A 118 -4.75 4.49 -45.93
N LYS A 119 -4.42 5.75 -45.69
CA LYS A 119 -3.50 6.50 -46.56
C LYS A 119 -2.11 5.85 -46.66
N VAL A 120 -1.87 4.86 -45.81
CA VAL A 120 -0.65 4.07 -45.90
C VAL A 120 -0.84 2.96 -46.94
N LEU A 121 -1.97 2.25 -46.83
CA LEU A 121 -2.32 1.22 -47.79
C LEU A 121 -2.64 1.83 -49.18
N LYS A 122 -2.96 3.13 -49.16
CA LYS A 122 -3.35 3.81 -50.41
C LYS A 122 -2.24 4.50 -51.22
N SER A 123 -1.37 5.27 -50.55
CA SER A 123 -0.36 6.06 -51.30
C SER A 123 0.94 5.33 -51.70
N ASN A 124 1.68 4.81 -50.73
CA ASN A 124 2.87 4.02 -51.05
C ASN A 124 2.78 2.61 -50.43
N PRO A 125 1.70 1.87 -50.75
CA PRO A 125 1.54 0.61 -50.03
C PRO A 125 2.66 -0.35 -50.40
N SER A 126 3.21 -1.07 -49.42
CA SER A 126 4.28 -2.02 -49.72
C SER A 126 4.69 -2.97 -48.58
N GLU A 127 5.21 -4.13 -49.01
CA GLU A 127 5.80 -5.19 -48.16
C GLU A 127 5.06 -5.47 -46.82
N ASN A 128 5.87 -5.81 -45.79
CA ASN A 128 5.38 -6.07 -44.44
C ASN A 128 4.40 -5.03 -43.89
N GLU A 129 4.67 -3.76 -44.18
CA GLU A 129 3.83 -2.65 -43.73
C GLU A 129 2.34 -2.89 -44.01
N GLU A 130 2.03 -3.35 -45.22
CA GLU A 130 0.66 -3.66 -45.61
C GLU A 130 -0.05 -4.54 -44.60
N LYS A 131 0.66 -5.55 -44.08
CA LYS A 131 0.12 -6.51 -43.10
C LYS A 131 -0.20 -5.83 -41.77
N GLU A 132 0.80 -5.18 -41.19
CA GLU A 132 0.63 -4.39 -39.98
C GLU A 132 -0.59 -3.46 -40.10
N ALA A 133 -0.55 -2.55 -41.08
CA ALA A 133 -1.61 -1.57 -41.31
C ALA A 133 -2.98 -2.22 -41.30
N GLN A 134 -3.10 -3.28 -42.09
CA GLN A 134 -4.36 -3.95 -42.32
C GLN A 134 -4.85 -4.60 -41.02
N SER A 135 -4.01 -5.41 -40.39
CA SER A 135 -4.38 -6.10 -39.16
C SER A 135 -4.80 -5.15 -38.04
N GLN A 136 -4.35 -3.90 -38.11
CA GLN A 136 -4.64 -2.90 -37.09
C GLN A 136 -6.04 -2.28 -37.28
N LEU A 137 -6.43 -2.02 -38.53
CA LEU A 137 -7.78 -1.50 -38.82
C LEU A 137 -8.88 -2.48 -38.40
N ILE A 138 -8.48 -3.70 -38.06
CA ILE A 138 -9.41 -4.73 -37.66
C ILE A 138 -9.65 -4.61 -36.16
N LYS A 139 -8.57 -4.40 -35.41
CA LYS A 139 -8.65 -4.03 -34.01
C LYS A 139 -9.46 -2.76 -33.93
N SER A 140 -9.01 -1.74 -34.67
CA SER A 140 -9.65 -0.44 -34.72
C SER A 140 -11.14 -0.48 -35.02
N ASP A 141 -11.55 -1.37 -35.91
CA ASP A 141 -12.96 -1.49 -36.29
C ASP A 141 -13.76 -2.15 -35.19
N GLU A 142 -13.10 -2.96 -34.37
CA GLU A 142 -13.77 -3.55 -33.24
C GLU A 142 -13.73 -2.60 -32.05
N MSE A 143 -12.61 -1.89 -31.90
CA MSE A 143 -12.48 -0.87 -30.87
C MSE A 143 -13.64 0.08 -31.05
O MSE A 143 -14.46 0.22 -30.16
CB MSE A 143 -11.14 -0.13 -30.96
CG MSE A 143 -9.88 -0.95 -30.65
SE MSE A 143 -9.95 -2.10 -29.08
CE MSE A 143 -10.48 -3.77 -29.91
N GLN A 144 -13.72 0.70 -32.23
CA GLN A 144 -14.79 1.65 -32.54
C GLN A 144 -16.13 1.12 -32.05
N ARG A 145 -16.28 -0.20 -32.12
CA ARG A 145 -17.52 -0.88 -31.75
C ARG A 145 -17.57 -1.09 -30.26
N LEU A 146 -16.41 -1.36 -29.67
CA LEU A 146 -16.32 -1.65 -28.24
C LEU A 146 -16.57 -0.46 -27.31
N ARG A 147 -16.08 0.73 -27.71
CA ARG A 147 -16.28 1.90 -26.88
C ARG A 147 -17.76 2.24 -26.78
N SER A 148 -18.47 2.08 -27.88
CA SER A 148 -19.91 2.27 -27.92
C SER A 148 -20.59 1.39 -26.90
N GLN A 149 -20.22 0.12 -26.91
CA GLN A 149 -20.77 -0.86 -25.99
C GLN A 149 -20.46 -0.49 -24.56
N ALA A 150 -19.25 0.03 -24.34
CA ALA A 150 -18.81 0.48 -23.02
C ALA A 150 -19.58 1.69 -22.53
N LEU A 151 -19.54 2.75 -23.34
CA LEU A 151 -20.29 3.96 -23.08
C LEU A 151 -21.78 3.69 -22.93
N ASN A 152 -22.27 2.68 -23.64
CA ASN A 152 -23.65 2.23 -23.46
C ASN A 152 -23.92 1.81 -22.02
N ALA A 153 -23.19 0.81 -21.54
CA ALA A 153 -23.47 0.17 -20.27
C ALA A 153 -23.37 1.17 -19.15
N PHE A 154 -22.41 2.07 -19.30
CA PHE A 154 -22.14 3.09 -18.32
C PHE A 154 -23.31 4.03 -18.21
N GLY A 155 -23.61 4.70 -19.34
CA GLY A 155 -24.74 5.64 -19.38
C GLY A 155 -26.01 5.09 -18.76
N SER A 156 -26.38 3.87 -19.17
CA SER A 156 -27.53 3.14 -18.63
C SER A 156 -27.36 2.80 -17.13
N GLY A 157 -26.10 2.73 -16.68
CA GLY A 157 -25.84 2.58 -15.27
C GLY A 157 -25.22 1.25 -14.87
N ASP A 158 -25.01 0.35 -15.82
CA ASP A 158 -24.36 -0.90 -15.47
C ASP A 158 -22.86 -0.70 -15.51
N TYR A 159 -22.25 -0.79 -14.34
CA TYR A 159 -20.83 -0.53 -14.21
C TYR A 159 -19.99 -1.77 -14.47
N THR A 160 -20.35 -2.87 -13.80
CA THR A 160 -19.66 -4.15 -13.95
C THR A 160 -19.62 -4.55 -15.41
N ALA A 161 -20.74 -4.34 -16.08
CA ALA A 161 -20.82 -4.54 -17.51
C ALA A 161 -19.71 -3.75 -18.19
N ALA A 162 -19.82 -2.41 -18.08
CA ALA A 162 -18.89 -1.54 -18.79
C ALA A 162 -17.43 -1.76 -18.41
N ILE A 163 -17.17 -2.30 -17.23
CA ILE A 163 -15.80 -2.56 -16.78
C ILE A 163 -15.17 -3.54 -17.75
N ALA A 164 -15.80 -4.71 -17.86
CA ALA A 164 -15.38 -5.82 -18.71
C ALA A 164 -15.15 -5.42 -20.16
N PHE A 165 -15.99 -4.52 -20.66
CA PHE A 165 -15.80 -3.94 -21.99
C PHE A 165 -14.50 -3.16 -22.04
N LEU A 166 -14.35 -2.24 -21.09
CA LEU A 166 -13.23 -1.31 -21.09
C LEU A 166 -11.92 -2.03 -20.88
N ASP A 167 -11.94 -3.07 -20.05
CA ASP A 167 -10.76 -3.92 -19.84
C ASP A 167 -10.13 -4.29 -21.17
N LYS A 168 -10.94 -4.80 -22.09
CA LYS A 168 -10.47 -5.19 -23.41
C LYS A 168 -10.00 -3.98 -24.19
N ILE A 169 -10.87 -3.00 -24.35
CA ILE A 169 -10.54 -1.79 -25.10
C ILE A 169 -9.20 -1.18 -24.71
N LEU A 170 -8.80 -1.44 -23.47
CA LEU A 170 -7.62 -0.83 -22.88
C LEU A 170 -6.35 -1.65 -23.07
N GLU A 171 -6.51 -2.83 -23.67
CA GLU A 171 -5.38 -3.65 -24.08
C GLU A 171 -4.82 -3.11 -25.38
N VAL A 172 -5.71 -2.59 -26.21
CA VAL A 172 -5.35 -2.08 -27.52
C VAL A 172 -4.98 -0.59 -27.42
N CYS A 173 -5.81 0.19 -26.74
CA CYS A 173 -5.49 1.58 -26.49
C CYS A 173 -5.01 1.78 -25.05
N VAL A 174 -3.74 1.43 -24.82
CA VAL A 174 -3.13 1.53 -23.50
C VAL A 174 -2.92 2.97 -23.07
N TRP A 175 -3.01 3.91 -24.00
CA TRP A 175 -2.73 5.31 -23.70
C TRP A 175 -3.92 6.24 -23.91
N ASP A 176 -5.13 5.70 -23.79
CA ASP A 176 -6.37 6.47 -23.93
C ASP A 176 -6.92 6.89 -22.59
N ALA A 177 -6.55 8.11 -22.20
CA ALA A 177 -6.78 8.63 -20.85
C ALA A 177 -8.26 8.81 -20.51
N GLU A 178 -9.03 9.28 -21.48
CA GLU A 178 -10.45 9.57 -21.26
C GLU A 178 -11.20 8.31 -20.87
N LEU A 179 -10.80 7.19 -21.43
CA LEU A 179 -11.48 5.94 -21.14
C LEU A 179 -11.01 5.40 -19.80
N ARG A 180 -9.69 5.36 -19.61
CA ARG A 180 -9.13 4.93 -18.33
C ARG A 180 -9.88 5.62 -17.19
N GLU A 181 -9.99 6.93 -17.29
CA GLU A 181 -10.72 7.73 -16.32
C GLU A 181 -12.11 7.19 -16.08
N LEU A 182 -12.79 6.91 -17.18
CA LEU A 182 -14.13 6.38 -17.10
C LEU A 182 -14.11 5.06 -16.35
N ARG A 183 -13.10 4.24 -16.63
CA ARG A 183 -13.03 2.94 -15.99
C ARG A 183 -12.79 3.11 -14.52
N ALA A 184 -11.85 3.97 -14.20
CA ALA A 184 -11.56 4.29 -12.82
C ALA A 184 -12.83 4.70 -12.12
N GLU A 185 -13.63 5.53 -12.78
CA GLU A 185 -14.88 5.99 -12.20
C GLU A 185 -15.80 4.81 -11.92
N CYS A 186 -15.86 3.86 -12.86
CA CYS A 186 -16.63 2.65 -12.63
C CYS A 186 -16.23 1.98 -11.31
N PHE A 187 -14.95 1.62 -11.18
CA PHE A 187 -14.46 1.02 -9.95
C PHE A 187 -14.98 1.74 -8.71
N ILE A 188 -14.85 3.06 -8.67
CA ILE A 188 -15.17 3.75 -7.43
C ILE A 188 -16.65 3.77 -7.21
N LYS A 189 -17.40 3.84 -8.30
CA LYS A 189 -18.85 3.80 -8.24
C LYS A 189 -19.25 2.44 -7.71
N GLU A 190 -18.42 1.45 -8.02
CA GLU A 190 -18.66 0.11 -7.56
C GLU A 190 -18.07 -0.08 -6.17
N GLY A 191 -17.51 0.98 -5.60
CA GLY A 191 -17.00 0.93 -4.23
C GLY A 191 -15.73 0.12 -4.11
N GLU A 192 -14.95 0.03 -5.19
CA GLU A 192 -13.65 -0.61 -5.13
C GLU A 192 -12.62 0.46 -5.51
N PRO A 193 -12.46 1.45 -4.64
CA PRO A 193 -11.71 2.63 -5.00
C PRO A 193 -10.21 2.37 -5.17
N ARG A 194 -9.70 1.33 -4.53
CA ARG A 194 -8.29 1.05 -4.59
C ARG A 194 -7.92 0.66 -6.02
N LYS A 195 -8.89 0.11 -6.74
CA LYS A 195 -8.65 -0.35 -8.10
C LYS A 195 -8.48 0.80 -9.08
N ALA A 196 -9.07 1.94 -8.73
CA ALA A 196 -9.01 3.14 -9.56
C ALA A 196 -7.63 3.78 -9.60
N ILE A 197 -6.81 3.54 -8.59
CA ILE A 197 -5.49 4.17 -8.50
C ILE A 197 -4.76 3.99 -9.79
N SER A 198 -4.71 2.72 -10.20
CA SER A 198 -3.94 2.28 -11.32
C SER A 198 -4.21 3.13 -12.55
N ASP A 199 -5.49 3.32 -12.82
CA ASP A 199 -5.94 4.07 -13.97
C ASP A 199 -5.70 5.55 -13.83
N LEU A 200 -5.93 6.06 -12.63
CA LEU A 200 -5.85 7.49 -12.40
C LEU A 200 -4.42 7.95 -12.45
N LYS A 201 -3.50 7.14 -11.93
CA LYS A 201 -2.11 7.49 -11.98
C LYS A 201 -1.73 7.64 -13.43
N ALA A 202 -1.97 6.57 -14.19
CA ALA A 202 -1.72 6.57 -15.62
C ALA A 202 -2.32 7.80 -16.29
N ALA A 203 -3.62 8.02 -16.15
CA ALA A 203 -4.27 9.17 -16.78
C ALA A 203 -3.50 10.48 -16.60
N SER A 204 -3.01 10.73 -15.39
CA SER A 204 -2.24 11.94 -15.11
C SER A 204 -0.91 11.88 -15.85
N LYS A 205 -0.19 10.75 -15.76
CA LYS A 205 1.05 10.51 -16.51
C LYS A 205 0.86 10.95 -17.95
N LEU A 206 -0.15 10.36 -18.58
CA LEU A 206 -0.47 10.52 -19.98
C LEU A 206 -0.59 11.98 -20.41
N LYS A 207 -1.40 12.73 -19.68
CA LYS A 207 -1.72 14.09 -20.10
C LYS A 207 -0.60 15.04 -19.67
N ASN A 208 0.18 14.62 -18.67
CA ASN A 208 1.42 15.30 -18.29
C ASN A 208 1.27 16.71 -17.65
N ASP A 209 0.41 17.54 -18.23
CA ASP A 209 0.22 18.89 -17.68
C ASP A 209 -1.24 19.16 -17.28
N ASN A 210 -2.04 18.12 -17.02
CA ASN A 210 -3.43 18.35 -16.61
C ASN A 210 -3.55 18.56 -15.13
N THR A 211 -3.83 19.80 -14.76
CA THR A 211 -3.94 20.18 -13.40
C THR A 211 -4.98 19.29 -12.68
N GLU A 212 -6.20 19.20 -13.21
CA GLU A 212 -7.29 18.48 -12.52
C GLU A 212 -7.03 16.96 -12.44
N ALA A 213 -6.13 16.45 -13.27
CA ALA A 213 -5.89 15.02 -13.26
C ALA A 213 -5.11 14.65 -12.02
N PHE A 214 -4.20 15.51 -11.60
CA PHE A 214 -3.35 15.23 -10.46
C PHE A 214 -4.11 15.32 -9.16
N TYR A 215 -4.90 16.37 -9.03
CA TYR A 215 -5.87 16.43 -7.99
C TYR A 215 -6.58 15.08 -7.95
N LYS A 216 -7.27 14.74 -9.03
CA LYS A 216 -8.13 13.56 -9.01
C LYS A 216 -7.49 12.41 -8.26
N ILE A 217 -6.27 12.08 -8.63
CA ILE A 217 -5.63 10.95 -7.99
C ILE A 217 -5.16 11.25 -6.55
N SER A 218 -4.41 12.32 -6.37
CA SER A 218 -4.00 12.74 -5.03
C SER A 218 -5.18 12.67 -4.06
N THR A 219 -6.29 13.26 -4.47
CA THR A 219 -7.54 13.19 -3.75
C THR A 219 -7.84 11.72 -3.37
N LEU A 220 -7.77 10.84 -4.36
CA LEU A 220 -8.00 9.42 -4.11
C LEU A 220 -7.00 8.77 -3.16
N TYR A 221 -5.70 8.79 -3.48
CA TYR A 221 -4.69 8.27 -2.57
C TYR A 221 -5.03 8.69 -1.15
N TYR A 222 -5.32 9.98 -0.98
CA TYR A 222 -5.72 10.53 0.29
C TYR A 222 -6.90 9.81 0.92
N GLN A 223 -8.01 9.64 0.19
CA GLN A 223 -9.18 8.90 0.72
C GLN A 223 -8.75 7.52 1.21
N LEU A 224 -7.77 6.95 0.54
CA LEU A 224 -7.39 5.62 0.91
C LEU A 224 -6.28 5.67 1.93
N GLY A 225 -5.91 6.86 2.37
CA GLY A 225 -4.88 7.02 3.40
C GLY A 225 -3.46 6.81 2.89
N ASP A 226 -3.31 6.58 1.58
CA ASP A 226 -1.99 6.63 0.96
C ASP A 226 -1.49 8.08 0.97
N HIS A 227 -1.27 8.57 2.18
CA HIS A 227 -1.05 9.97 2.41
C HIS A 227 0.29 10.43 1.87
N GLU A 228 1.29 9.56 1.88
CA GLU A 228 2.59 9.95 1.38
C GLU A 228 2.48 10.20 -0.11
N LEU A 229 1.98 9.21 -0.82
CA LEU A 229 1.84 9.34 -2.26
C LEU A 229 1.03 10.59 -2.58
N SER A 230 -0.16 10.68 -1.99
CA SER A 230 -1.03 11.84 -2.18
C SER A 230 -0.25 13.17 -2.19
N LEU A 231 0.61 13.37 -1.20
CA LEU A 231 1.43 14.58 -1.10
C LEU A 231 2.32 14.79 -2.33
N SER A 232 3.07 13.76 -2.74
CA SER A 232 3.94 13.92 -3.93
C SER A 232 3.14 14.30 -5.18
N GLU A 233 1.96 13.73 -5.31
CA GLU A 233 1.11 14.06 -6.43
C GLU A 233 0.64 15.53 -6.42
N VAL A 234 0.15 15.98 -5.29
CA VAL A 234 -0.38 17.33 -5.24
C VAL A 234 0.77 18.34 -5.37
N ARG A 235 1.99 17.90 -5.03
CA ARG A 235 3.18 18.72 -5.31
C ARG A 235 3.25 18.98 -6.80
N GLU A 236 3.06 17.90 -7.55
CA GLU A 236 2.99 17.96 -8.99
C GLU A 236 1.94 18.96 -9.44
N CYS A 237 0.74 18.83 -8.90
CA CYS A 237 -0.31 19.70 -9.38
C CYS A 237 0.25 21.09 -9.29
N LEU A 238 0.82 21.42 -8.14
CA LEU A 238 1.32 22.74 -7.88
C LEU A 238 2.54 23.10 -8.72
N LYS A 239 3.45 22.16 -8.91
CA LYS A 239 4.60 22.40 -9.75
C LYS A 239 4.11 22.86 -11.13
N LEU A 240 2.95 22.38 -11.55
CA LEU A 240 2.37 22.81 -12.83
C LEU A 240 1.74 24.17 -12.67
N ASP A 241 1.18 24.42 -11.50
CA ASP A 241 0.47 25.65 -11.32
C ASP A 241 0.52 26.15 -9.88
N GLN A 242 1.20 27.27 -9.69
CA GLN A 242 1.43 27.80 -8.36
C GLN A 242 0.17 28.30 -7.71
N ASP A 243 -0.81 28.61 -8.53
CA ASP A 243 -1.90 29.42 -8.07
C ASP A 243 -3.21 28.67 -7.91
N HIS A 244 -3.24 27.41 -8.39
CA HIS A 244 -4.38 26.53 -8.16
C HIS A 244 -4.81 26.69 -6.69
N LYS A 245 -5.98 27.29 -6.49
CA LYS A 245 -6.45 27.61 -5.14
C LYS A 245 -6.90 26.34 -4.42
N ARG A 246 -7.02 25.28 -5.20
CA ARG A 246 -7.65 24.08 -4.70
C ARG A 246 -6.60 23.02 -4.45
N CYS A 247 -5.55 23.02 -5.26
CA CYS A 247 -4.43 22.10 -5.05
C CYS A 247 -3.70 22.51 -3.81
N PHE A 248 -3.43 23.80 -3.71
CA PHE A 248 -2.78 24.36 -2.54
C PHE A 248 -3.55 23.96 -1.30
N ALA A 249 -4.85 24.22 -1.31
CA ALA A 249 -5.75 23.90 -0.20
C ALA A 249 -5.56 22.47 0.32
N HIS A 250 -5.59 21.54 -0.60
CA HIS A 250 -5.37 20.18 -0.29
C HIS A 250 -3.96 19.92 0.20
N TYR A 251 -3.01 20.69 -0.34
CA TYR A 251 -1.59 20.52 -0.04
C TYR A 251 -1.30 20.91 1.40
N LYS A 252 -1.84 22.02 1.87
CA LYS A 252 -1.66 22.38 3.29
C LYS A 252 -2.09 21.17 4.12
N GLN A 253 -3.10 20.47 3.63
CA GLN A 253 -3.73 19.40 4.39
C GLN A 253 -2.81 18.21 4.51
N VAL A 254 -2.50 17.59 3.37
CA VAL A 254 -1.68 16.38 3.39
C VAL A 254 -0.37 16.67 4.07
N LYS A 255 0.20 17.85 3.80
CA LYS A 255 1.49 18.16 4.36
C LYS A 255 1.39 17.96 5.86
N LYS A 256 0.53 18.77 6.46
CA LYS A 256 0.26 18.75 7.88
C LYS A 256 0.03 17.34 8.39
N LEU A 257 -0.70 16.56 7.60
CA LEU A 257 -1.14 15.26 8.06
C LEU A 257 -0.04 14.21 7.94
N ASN A 258 0.76 14.34 6.90
CA ASN A 258 1.89 13.47 6.73
C ASN A 258 2.95 13.78 7.77
N LYS A 259 3.25 15.08 7.91
CA LYS A 259 4.24 15.56 8.87
C LYS A 259 4.04 14.92 10.24
N LEU A 260 2.78 14.67 10.56
CA LEU A 260 2.39 14.23 11.88
C LEU A 260 2.60 12.74 12.04
N ILE A 261 2.13 12.00 11.04
CA ILE A 261 2.24 10.56 11.04
C ILE A 261 3.67 10.17 10.81
N GLU A 262 4.39 10.91 9.96
CA GLU A 262 5.78 10.56 9.73
C GLU A 262 6.55 10.85 11.02
N SER A 263 6.13 11.88 11.74
CA SER A 263 6.71 12.20 13.01
C SER A 263 6.40 11.10 14.03
N ALA A 264 5.11 10.78 14.17
CA ALA A 264 4.66 9.73 15.10
C ALA A 264 5.45 8.44 14.94
N GLU A 265 5.49 7.90 13.73
CA GLU A 265 6.29 6.70 13.47
C GLU A 265 7.72 6.79 14.00
N GLU A 266 8.35 7.96 13.85
CA GLU A 266 9.72 8.06 14.27
C GLU A 266 9.81 7.95 15.78
N LEU A 267 8.77 8.43 16.44
CA LEU A 267 8.70 8.34 17.89
C LEU A 267 8.42 6.91 18.37
N ILE A 268 7.76 6.12 17.51
CA ILE A 268 7.51 4.73 17.85
C ILE A 268 8.78 3.92 17.63
N ARG A 269 9.68 4.46 16.81
CA ARG A 269 10.98 3.83 16.61
C ARG A 269 11.91 4.13 17.78
N ASP A 270 11.66 5.22 18.47
CA ASP A 270 12.44 5.53 19.65
C ASP A 270 11.81 5.04 20.95
N GLY A 271 10.66 4.36 20.83
CA GLY A 271 9.94 3.90 22.01
C GLY A 271 9.39 5.01 22.88
N ARG A 272 9.22 6.19 22.31
CA ARG A 272 8.58 7.30 22.99
C ARG A 272 7.08 7.17 22.75
N TYR A 273 6.53 6.08 23.25
CA TYR A 273 5.15 5.65 22.97
C TYR A 273 4.10 6.68 23.35
N THR A 274 4.16 7.13 24.59
CA THR A 274 3.24 8.16 25.07
C THR A 274 3.28 9.36 24.11
N ASP A 275 4.46 9.71 23.61
CA ASP A 275 4.58 10.83 22.69
C ASP A 275 3.97 10.49 21.34
N ALA A 276 4.28 9.30 20.86
CA ALA A 276 3.65 8.81 19.63
C ALA A 276 2.13 8.83 19.78
N THR A 277 1.61 8.38 20.93
CA THR A 277 0.18 8.33 21.16
C THR A 277 -0.41 9.72 21.02
N SER A 278 0.24 10.69 21.62
CA SER A 278 -0.23 12.05 21.54
C SER A 278 -0.30 12.45 20.09
N LYS A 279 0.83 12.26 19.40
CA LYS A 279 0.92 12.64 18.01
C LYS A 279 -0.28 12.12 17.27
N TYR A 280 -0.52 10.82 17.35
CA TYR A 280 -1.59 10.18 16.57
C TYR A 280 -3.01 10.65 16.87
N GLU A 281 -3.17 11.28 18.03
CA GLU A 281 -4.48 11.79 18.40
C GLU A 281 -4.73 13.11 17.75
N SER A 282 -3.65 13.82 17.46
CA SER A 282 -3.73 15.07 16.72
C SER A 282 -3.91 14.64 15.28
N VAL A 283 -3.44 13.47 14.91
CA VAL A 283 -3.67 13.03 13.54
C VAL A 283 -5.17 12.87 13.33
N MSE A 284 -5.82 12.14 14.23
CA MSE A 284 -7.28 11.94 14.11
C MSE A 284 -8.05 13.24 14.13
O MSE A 284 -9.04 13.41 13.43
CB MSE A 284 -7.77 11.05 15.21
CG MSE A 284 -7.65 9.62 14.84
SE MSE A 284 -7.52 8.57 16.45
CE MSE A 284 -9.34 8.80 17.18
N LYS A 285 -7.54 14.15 14.95
CA LYS A 285 -8.09 15.45 15.09
C LYS A 285 -7.99 16.21 13.77
N THR A 286 -6.84 16.13 13.09
CA THR A 286 -6.73 16.90 11.86
C THR A 286 -7.60 16.33 10.75
N GLU A 287 -7.69 15.01 10.62
CA GLU A 287 -8.53 14.44 9.57
C GLU A 287 -9.63 13.53 10.10
N PRO A 288 -10.70 14.13 10.62
CA PRO A 288 -11.72 13.42 11.37
C PRO A 288 -12.82 12.81 10.49
N SER A 289 -12.94 13.29 9.24
CA SER A 289 -13.90 12.74 8.29
C SER A 289 -13.61 11.30 7.87
N ILE A 290 -12.41 11.03 7.35
CA ILE A 290 -12.13 9.73 6.71
C ILE A 290 -11.87 8.59 7.72
N ALA A 291 -12.66 7.52 7.63
CA ALA A 291 -12.59 6.48 8.65
C ALA A 291 -11.19 5.90 8.73
N GLU A 292 -10.62 5.58 7.58
CA GLU A 292 -9.31 4.96 7.52
C GLU A 292 -8.26 5.65 8.41
N TYR A 293 -8.39 6.96 8.61
CA TYR A 293 -7.39 7.64 9.43
C TYR A 293 -7.52 7.44 10.90
N THR A 294 -8.76 7.36 11.39
CA THR A 294 -8.96 7.09 12.82
C THR A 294 -8.57 5.63 13.09
N VAL A 295 -8.86 4.75 12.14
CA VAL A 295 -8.63 3.35 12.34
C VAL A 295 -7.16 3.05 12.42
N ARG A 296 -6.41 3.40 11.38
CA ARG A 296 -5.00 3.14 11.39
C ARG A 296 -4.33 3.85 12.54
N SER A 297 -4.84 5.03 12.89
CA SER A 297 -4.29 5.76 14.01
C SER A 297 -4.46 4.94 15.26
N LYS A 298 -5.67 4.43 15.49
CA LYS A 298 -5.96 3.62 16.67
C LYS A 298 -5.08 2.37 16.72
N GLU A 299 -4.94 1.69 15.60
CA GLU A 299 -4.08 0.51 15.54
C GLU A 299 -2.76 0.82 16.21
N ARG A 300 -2.14 1.92 15.79
CA ARG A 300 -0.79 2.27 16.20
C ARG A 300 -0.77 2.59 17.69
N ILE A 301 -1.86 3.18 18.15
CA ILE A 301 -2.00 3.51 19.56
C ILE A 301 -2.08 2.21 20.32
N CYS A 302 -2.97 1.31 19.89
CA CYS A 302 -3.02 -0.02 20.49
C CYS A 302 -1.62 -0.62 20.50
N HIS A 303 -0.87 -0.42 19.43
CA HIS A 303 0.53 -0.82 19.39
C HIS A 303 1.37 -0.10 20.42
N CYS A 304 1.13 1.20 20.59
CA CYS A 304 1.91 2.04 21.52
C CYS A 304 1.85 1.65 22.99
N PHE A 305 0.63 1.32 23.45
CA PHE A 305 0.44 0.87 24.81
C PHE A 305 1.09 -0.49 25.01
N SER A 306 0.81 -1.39 24.07
CA SER A 306 1.36 -2.73 24.09
C SER A 306 2.87 -2.77 24.26
N LYS A 307 3.60 -2.06 23.39
CA LYS A 307 5.06 -2.09 23.49
C LYS A 307 5.55 -1.33 24.71
N ASP A 308 4.66 -0.57 25.33
CA ASP A 308 5.00 0.23 26.51
C ASP A 308 4.70 -0.49 27.81
N GLU A 309 4.16 -1.70 27.71
CA GLU A 309 3.88 -2.56 28.86
C GLU A 309 2.75 -1.99 29.73
N LYS A 310 1.81 -1.30 29.07
CA LYS A 310 0.61 -0.80 29.75
C LYS A 310 -0.55 -1.62 29.22
N PRO A 311 -0.77 -2.81 29.81
CA PRO A 311 -1.66 -3.78 29.21
C PRO A 311 -3.13 -3.40 29.31
N VAL A 312 -3.55 -2.78 30.40
CA VAL A 312 -4.96 -2.50 30.55
C VAL A 312 -5.45 -1.64 29.40
N GLU A 313 -4.73 -0.56 29.11
CA GLU A 313 -5.10 0.38 28.06
C GLU A 313 -4.91 -0.28 26.72
N ALA A 314 -3.80 -0.99 26.60
CA ALA A 314 -3.54 -1.77 25.41
C ALA A 314 -4.79 -2.58 25.06
N ILE A 315 -5.25 -3.39 26.01
CA ILE A 315 -6.45 -4.19 25.77
C ILE A 315 -7.62 -3.32 25.37
N ARG A 316 -7.84 -2.25 26.11
CA ARG A 316 -8.98 -1.38 25.88
C ARG A 316 -9.10 -0.98 24.41
N VAL A 317 -7.97 -0.57 23.84
CA VAL A 317 -7.94 0.01 22.51
C VAL A 317 -8.00 -1.06 21.39
N CYS A 318 -7.11 -2.04 21.43
CA CYS A 318 -7.17 -3.15 20.49
C CYS A 318 -8.56 -3.75 20.37
N SER A 319 -9.29 -3.77 21.47
CA SER A 319 -10.69 -4.18 21.43
C SER A 319 -11.52 -3.33 20.45
N GLU A 320 -11.43 -2.01 20.59
CA GLU A 320 -12.10 -1.10 19.67
C GLU A 320 -11.63 -1.39 18.25
N VAL A 321 -10.34 -1.66 18.11
CA VAL A 321 -9.76 -1.86 16.79
C VAL A 321 -10.32 -3.12 16.16
N LEU A 322 -10.24 -4.24 16.86
CA LEU A 322 -10.74 -5.50 16.35
C LEU A 322 -12.26 -5.44 16.15
N GLN A 323 -12.94 -4.60 16.92
CA GLN A 323 -14.34 -4.32 16.64
C GLN A 323 -14.53 -3.77 15.24
N MSE A 324 -13.63 -2.90 14.78
CA MSE A 324 -13.75 -2.35 13.42
C MSE A 324 -13.09 -3.28 12.40
O MSE A 324 -13.49 -3.33 11.23
CB MSE A 324 -13.16 -0.95 13.33
CG MSE A 324 -13.62 -0.04 14.42
SE MSE A 324 -12.45 1.56 14.60
CE MSE A 324 -10.69 0.66 14.76
N GLU A 325 -12.07 -4.00 12.85
CA GLU A 325 -11.35 -4.94 11.99
C GLU A 325 -11.02 -6.18 12.83
N PRO A 326 -11.85 -7.25 12.72
CA PRO A 326 -11.58 -8.39 13.59
C PRO A 326 -10.39 -9.15 13.06
N ASP A 327 -10.00 -8.82 11.83
CA ASP A 327 -8.94 -9.52 11.13
C ASP A 327 -7.63 -8.74 11.16
N ASN A 328 -7.58 -7.68 11.97
CA ASN A 328 -6.36 -6.89 12.03
C ASN A 328 -5.21 -7.58 12.78
N VAL A 329 -4.40 -8.30 11.99
CA VAL A 329 -3.26 -9.07 12.48
C VAL A 329 -2.41 -8.35 13.52
N ASN A 330 -1.86 -7.19 13.18
CA ASN A 330 -1.08 -6.40 14.12
C ASN A 330 -1.77 -6.21 15.46
N ALA A 331 -3.02 -5.76 15.39
CA ALA A 331 -3.80 -5.51 16.58
C ALA A 331 -3.87 -6.76 17.44
N LEU A 332 -4.31 -7.87 16.85
CA LEU A 332 -4.33 -9.15 17.55
C LEU A 332 -2.99 -9.40 18.26
N LYS A 333 -1.89 -9.33 17.52
CA LYS A 333 -0.55 -9.62 18.03
C LYS A 333 -0.17 -8.81 19.25
N ASP A 334 -0.41 -7.51 19.16
CA ASP A 334 -0.01 -6.62 20.23
C ASP A 334 -0.85 -6.90 21.47
N ARG A 335 -2.15 -7.05 21.30
CA ARG A 335 -3.04 -7.37 22.41
C ARG A 335 -2.71 -8.72 23.03
N ALA A 336 -2.20 -9.62 22.22
CA ALA A 336 -1.73 -10.88 22.73
C ALA A 336 -0.58 -10.61 23.71
N GLU A 337 0.44 -9.88 23.24
CA GLU A 337 1.61 -9.59 24.08
C GLU A 337 1.22 -8.95 25.40
N ALA A 338 0.04 -8.34 25.42
CA ALA A 338 -0.50 -7.67 26.61
C ALA A 338 -1.15 -8.67 27.54
N TYR A 339 -1.99 -9.53 26.97
CA TYR A 339 -2.60 -10.61 27.71
C TYR A 339 -1.51 -11.39 28.42
N LEU A 340 -0.35 -11.53 27.77
CA LEU A 340 0.80 -12.19 28.37
C LEU A 340 1.19 -11.56 29.69
N ILE A 341 1.40 -10.27 29.69
CA ILE A 341 1.83 -9.54 30.88
C ILE A 341 0.78 -9.63 31.98
N GLU A 342 -0.44 -10.01 31.61
CA GLU A 342 -1.51 -10.24 32.56
C GLU A 342 -1.70 -11.72 32.83
N GLU A 343 -1.00 -12.54 32.04
CA GLU A 343 -1.03 -13.99 32.13
C GLU A 343 -2.39 -14.58 31.74
N MSE A 344 -2.96 -14.09 30.63
CA MSE A 344 -4.26 -14.55 30.16
C MSE A 344 -4.11 -15.37 28.87
O MSE A 344 -4.42 -14.90 27.77
CB MSE A 344 -5.18 -13.36 29.89
CG MSE A 344 -5.01 -12.25 30.88
SE MSE A 344 -6.70 -11.39 31.11
CE MSE A 344 -6.25 -10.54 32.80
N TYR A 345 -3.65 -16.60 29.05
CA TYR A 345 -3.14 -17.39 27.94
C TYR A 345 -4.26 -17.88 27.03
N ASP A 346 -5.36 -18.31 27.63
CA ASP A 346 -6.55 -18.75 26.89
C ASP A 346 -6.97 -17.69 25.88
N GLU A 347 -6.79 -16.44 26.27
CA GLU A 347 -7.11 -15.30 25.43
C GLU A 347 -6.01 -15.06 24.41
N ALA A 348 -4.77 -14.97 24.89
CA ALA A 348 -3.60 -14.76 24.05
C ALA A 348 -3.51 -15.77 22.93
N ILE A 349 -3.66 -17.05 23.26
CA ILE A 349 -3.68 -18.08 22.21
C ILE A 349 -4.83 -17.83 21.25
N GLN A 350 -6.04 -17.66 21.79
CA GLN A 350 -7.23 -17.46 20.98
C GLN A 350 -6.94 -16.44 19.89
N ASP A 351 -6.28 -15.36 20.30
CA ASP A 351 -5.85 -14.27 19.41
C ASP A 351 -4.88 -14.72 18.33
N TYR A 352 -3.75 -15.30 18.73
CA TYR A 352 -2.76 -15.82 17.77
C TYR A 352 -3.43 -16.81 16.84
N GLU A 353 -4.31 -17.63 17.40
CA GLU A 353 -5.08 -18.59 16.63
C GLU A 353 -5.97 -17.92 15.59
N THR A 354 -6.52 -16.76 15.95
CA THR A 354 -7.28 -15.97 14.98
C THR A 354 -6.32 -15.39 13.92
N ALA A 355 -5.16 -14.89 14.37
CA ALA A 355 -4.14 -14.36 13.46
C ALA A 355 -3.56 -15.47 12.58
N GLN A 356 -3.49 -16.68 13.12
CA GLN A 356 -3.10 -17.88 12.38
C GLN A 356 -3.95 -18.03 11.13
N GLU A 357 -5.27 -17.92 11.30
CA GLU A 357 -6.23 -18.03 10.20
C GLU A 357 -5.91 -17.01 9.09
N HIS A 358 -5.13 -15.98 9.42
CA HIS A 358 -4.78 -14.95 8.47
C HIS A 358 -3.33 -15.02 7.93
N ASN A 359 -2.37 -15.31 8.81
CA ASN A 359 -1.01 -15.59 8.34
C ASN A 359 -0.52 -16.99 8.66
N GLU A 360 -0.30 -17.76 7.60
CA GLU A 360 0.05 -19.18 7.71
C GLU A 360 1.48 -19.41 8.22
N ASN A 361 2.43 -18.59 7.76
CA ASN A 361 3.84 -18.85 8.01
C ASN A 361 4.60 -17.78 8.81
N ASP A 362 3.97 -16.63 9.04
CA ASP A 362 4.57 -15.56 9.83
C ASP A 362 5.20 -16.07 11.14
N GLN A 363 6.53 -15.94 11.25
CA GLN A 363 7.31 -16.37 12.42
C GLN A 363 6.82 -15.77 13.72
N GLN A 364 6.56 -14.47 13.68
CA GLN A 364 6.04 -13.74 14.82
C GLN A 364 4.78 -14.40 15.36
N ILE A 365 3.83 -14.77 14.49
CA ILE A 365 2.61 -15.43 14.95
C ILE A 365 2.90 -16.85 15.47
N ARG A 366 3.66 -17.61 14.69
CA ARG A 366 4.01 -18.98 15.09
C ARG A 366 4.72 -18.97 16.44
N GLU A 367 5.72 -18.10 16.57
CA GLU A 367 6.52 -18.01 17.79
C GLU A 367 5.71 -17.53 18.97
N GLY A 368 4.63 -16.80 18.66
CA GLY A 368 3.69 -16.34 19.67
C GLY A 368 3.14 -17.51 20.45
N LEU A 369 2.50 -18.44 19.74
CA LEU A 369 1.87 -19.62 20.34
C LEU A 369 2.86 -20.43 21.17
N GLU A 370 3.99 -20.77 20.55
CA GLU A 370 4.98 -21.64 21.17
C GLU A 370 5.47 -21.08 22.48
N LYS A 371 5.67 -19.76 22.51
CA LYS A 371 6.05 -19.09 23.75
C LYS A 371 4.90 -19.11 24.74
N ALA A 372 3.69 -18.90 24.25
CA ALA A 372 2.51 -18.79 25.10
C ALA A 372 2.09 -20.14 25.66
N GLN A 373 1.93 -21.11 24.77
CA GLN A 373 1.51 -22.45 25.17
C GLN A 373 2.51 -23.09 26.14
N ARG A 374 3.79 -22.83 25.92
CA ARG A 374 4.82 -23.24 26.85
C ARG A 374 4.47 -22.77 28.26
N LEU A 375 4.23 -21.47 28.39
CA LEU A 375 3.88 -20.88 29.67
C LEU A 375 2.52 -21.33 30.18
N LEU A 376 1.64 -21.74 29.27
CA LEU A 376 0.30 -22.20 29.63
C LEU A 376 0.36 -23.44 30.51
N LYS A 377 1.20 -24.39 30.15
CA LYS A 377 1.36 -25.62 30.91
C LYS A 377 1.99 -25.34 32.27
N GLN A 378 3.15 -24.69 32.26
CA GLN A 378 3.85 -24.34 33.51
C GLN A 378 2.95 -23.56 34.46
N SER A 379 1.90 -22.97 33.94
CA SER A 379 0.94 -22.23 34.75
C SER A 379 -0.07 -23.18 35.36
N GLN A 380 -0.54 -24.13 34.55
CA GLN A 380 -1.57 -25.10 34.97
C GLN A 380 -1.09 -25.97 36.14
N LYS A 381 0.07 -26.59 35.98
CA LYS A 381 0.68 -27.35 37.08
C LYS A 381 1.17 -26.41 38.17
N ARG A 382 0.53 -26.50 39.34
CA ARG A 382 0.87 -25.63 40.47
C ARG A 382 2.26 -25.93 41.01
N ASP A 383 2.90 -24.88 41.51
CA ASP A 383 4.24 -24.98 42.04
C ASP A 383 4.16 -25.15 43.56
N TYR A 384 5.19 -25.80 44.12
CA TYR A 384 5.23 -26.06 45.56
C TYR A 384 6.07 -25.01 46.27
N TYR A 385 7.22 -24.70 45.65
CA TYR A 385 8.05 -23.58 46.07
C TYR A 385 7.24 -22.29 46.00
N LYS A 386 6.20 -22.30 45.18
CA LYS A 386 5.24 -21.21 45.05
C LYS A 386 4.69 -20.80 46.41
N ILE A 387 4.49 -21.80 47.28
CA ILE A 387 3.97 -21.60 48.63
C ILE A 387 4.98 -20.89 49.53
N LEU A 388 6.27 -21.21 49.33
CA LEU A 388 7.37 -20.52 49.99
C LEU A 388 8.60 -20.50 49.10
N GLY A 389 9.26 -21.67 49.01
CA GLY A 389 10.45 -21.84 48.19
C GLY A 389 11.52 -20.77 48.39
N VAL A 390 11.92 -20.57 49.66
CA VAL A 390 12.98 -19.60 50.01
C VAL A 390 14.17 -19.73 49.07
N LYS A 391 14.43 -20.96 48.61
CA LYS A 391 15.46 -21.24 47.62
C LYS A 391 14.91 -22.21 46.57
N ARG A 392 15.19 -21.91 45.30
CA ARG A 392 14.97 -22.87 44.21
C ARG A 392 15.87 -24.07 44.49
N ASN A 393 15.22 -25.21 44.77
CA ASN A 393 15.95 -26.37 45.29
C ASN A 393 16.45 -26.03 46.71
N ALA A 394 15.51 -25.62 47.58
CA ALA A 394 15.81 -25.29 48.97
C ALA A 394 16.16 -26.51 49.80
N LYS A 395 17.05 -26.33 50.79
CA LYS A 395 17.45 -27.41 51.70
C LYS A 395 16.26 -27.84 52.57
N LYS A 396 16.10 -29.16 52.75
CA LYS A 396 14.94 -29.77 53.41
C LYS A 396 14.64 -29.30 54.83
N GLN A 397 15.67 -28.79 55.52
CA GLN A 397 15.54 -28.29 56.88
C GLN A 397 15.06 -26.83 56.93
N GLU A 398 15.57 -26.00 56.01
CA GLU A 398 15.17 -24.59 55.86
C GLU A 398 13.68 -24.44 55.52
N ILE A 399 13.19 -25.41 54.75
CA ILE A 399 11.78 -25.48 54.34
C ILE A 399 10.87 -25.58 55.56
N ILE A 400 11.10 -26.58 56.40
CA ILE A 400 10.31 -26.83 57.60
C ILE A 400 10.16 -25.54 58.44
N LYS A 401 11.27 -24.79 58.55
CA LYS A 401 11.33 -23.56 59.36
C LYS A 401 10.15 -22.62 59.10
N ALA A 402 10.00 -22.16 57.86
CA ALA A 402 8.91 -21.26 57.47
C ALA A 402 7.56 -21.97 57.44
N TYR A 403 7.59 -23.27 57.17
CA TYR A 403 6.39 -24.09 57.20
C TYR A 403 5.71 -24.06 58.56
N ARG A 404 6.51 -24.29 59.61
CA ARG A 404 6.01 -24.28 60.98
C ARG A 404 5.22 -23.01 61.26
N LYS A 405 5.83 -21.87 60.94
CA LYS A 405 5.16 -20.57 61.05
C LYS A 405 3.92 -20.51 60.16
N LEU A 406 4.08 -20.87 58.89
CA LEU A 406 2.97 -20.78 57.93
C LEU A 406 1.91 -21.85 58.16
N ALA A 407 2.30 -22.94 58.81
CA ALA A 407 1.33 -23.90 59.33
C ALA A 407 0.62 -23.30 60.55
N LEU A 408 1.39 -22.67 61.43
CA LEU A 408 0.84 -21.91 62.55
C LEU A 408 -0.04 -20.78 62.04
N GLN A 409 0.43 -20.09 61.00
CA GLN A 409 -0.24 -18.92 60.45
C GLN A 409 -1.50 -19.27 59.68
N TRP A 410 -1.41 -20.25 58.78
CA TRP A 410 -2.52 -20.54 57.87
C TRP A 410 -3.55 -21.58 58.37
N HIS A 411 -3.56 -21.85 59.67
CA HIS A 411 -4.57 -22.74 60.21
C HIS A 411 -5.86 -21.98 60.54
N PRO A 412 -6.99 -22.45 59.97
CA PRO A 412 -8.33 -21.89 60.13
C PRO A 412 -8.70 -21.44 61.54
N ASP A 413 -7.97 -21.93 62.55
CA ASP A 413 -8.19 -21.51 63.94
C ASP A 413 -7.91 -20.03 64.15
N ASN A 414 -6.99 -19.50 63.35
CA ASN A 414 -6.47 -18.15 63.55
C ASN A 414 -7.46 -16.99 63.35
N PHE A 415 -8.49 -17.21 62.55
CA PHE A 415 -9.50 -16.18 62.28
C PHE A 415 -10.92 -16.72 62.46
N GLN A 416 -11.87 -15.80 62.68
CA GLN A 416 -13.21 -16.19 63.08
C GLN A 416 -14.19 -16.50 61.95
N ASN A 417 -14.29 -15.61 60.95
CA ASN A 417 -15.37 -15.76 59.98
C ASN A 417 -15.14 -16.80 58.90
N GLU A 418 -16.22 -17.47 58.54
CA GLU A 418 -16.23 -18.65 57.67
C GLU A 418 -15.67 -18.35 56.28
N GLU A 419 -16.18 -17.27 55.67
CA GLU A 419 -15.79 -16.88 54.32
C GLU A 419 -14.27 -16.82 54.18
N GLU A 420 -13.65 -16.17 55.15
CA GLU A 420 -12.20 -16.07 55.24
C GLU A 420 -11.63 -17.45 55.47
N LYS A 421 -12.26 -18.19 56.38
CA LYS A 421 -11.79 -19.50 56.79
C LYS A 421 -11.67 -20.46 55.60
N LYS A 422 -12.79 -20.70 54.93
CA LYS A 422 -12.84 -21.55 53.73
C LYS A 422 -11.67 -21.24 52.79
N LYS A 423 -11.27 -19.97 52.78
CA LYS A 423 -10.22 -19.50 51.89
C LYS A 423 -8.82 -19.87 52.36
N ALA A 424 -8.62 -19.86 53.68
CA ALA A 424 -7.35 -20.28 54.26
C ALA A 424 -7.17 -21.79 54.17
N GLU A 425 -8.28 -22.52 54.28
CA GLU A 425 -8.26 -23.97 54.12
C GLU A 425 -7.49 -24.33 52.87
N LYS A 426 -7.77 -23.59 51.79
CA LYS A 426 -7.13 -23.81 50.51
C LYS A 426 -5.62 -23.62 50.62
N LYS A 427 -5.21 -22.64 51.41
CA LYS A 427 -3.79 -22.41 51.67
C LYS A 427 -3.23 -23.52 52.55
N PHE A 428 -4.03 -24.00 53.49
CA PHE A 428 -3.62 -25.06 54.40
C PHE A 428 -3.47 -26.39 53.68
N ILE A 429 -4.52 -26.77 52.94
CA ILE A 429 -4.47 -27.93 52.06
C ILE A 429 -3.14 -27.97 51.29
N ASP A 430 -2.71 -26.79 50.85
CA ASP A 430 -1.52 -26.68 50.01
C ASP A 430 -0.22 -26.64 50.79
N ILE A 431 -0.16 -25.85 51.86
CA ILE A 431 1.08 -25.73 52.64
C ILE A 431 1.59 -27.11 53.08
N ALA A 432 0.68 -27.95 53.53
CA ALA A 432 1.02 -29.31 53.95
C ALA A 432 1.28 -30.18 52.73
N ALA A 433 0.54 -29.93 51.65
CA ALA A 433 0.73 -30.68 50.40
C ALA A 433 2.19 -30.63 49.99
N ALA A 434 2.80 -29.46 50.17
CA ALA A 434 4.22 -29.26 49.90
C ALA A 434 5.10 -30.28 50.64
N LYS A 435 4.85 -30.44 51.95
CA LYS A 435 5.67 -31.28 52.82
C LYS A 435 5.87 -32.69 52.27
N GLU A 436 4.77 -33.43 52.15
CA GLU A 436 4.79 -34.83 51.72
C GLU A 436 5.30 -34.97 50.28
N VAL A 437 5.05 -33.95 49.46
CA VAL A 437 5.40 -34.01 48.04
C VAL A 437 6.86 -33.63 47.76
N LEU A 438 7.54 -33.05 48.75
CA LEU A 438 8.94 -32.66 48.53
C LEU A 438 9.98 -33.58 49.18
N SER A 439 9.65 -34.12 50.36
CA SER A 439 10.57 -35.03 51.05
C SER A 439 10.69 -36.38 50.32
N ASP A 440 11.79 -37.09 50.57
CA ASP A 440 12.08 -38.37 50.03
C ASP A 440 12.27 -38.40 48.49
N PRO A 441 11.94 -39.54 47.76
CA PRO A 441 12.19 -39.61 46.30
C PRO A 441 11.61 -38.44 45.49
N GLU A 442 10.48 -37.90 45.92
CA GLU A 442 9.83 -36.79 45.23
C GLU A 442 10.70 -35.53 45.23
N MSE A 443 10.39 -34.62 44.30
CA MSE A 443 11.10 -33.33 44.08
C MSE A 443 12.10 -33.43 42.91
O MSE A 443 12.32 -32.43 42.25
CB MSE A 443 11.79 -32.81 45.36
CG MSE A 443 12.45 -31.43 45.23
SE MSE A 443 13.11 -30.67 46.94
CE MSE A 443 11.55 -29.57 47.42
N ARG A 444 12.71 -34.65 42.78
CA ARG A 444 13.58 -35.00 41.64
C ARG A 444 14.19 -36.38 41.86
#